data_8G93
#
_entry.id   8G93
#
_cell.length_a   76.730
_cell.length_b   186.320
_cell.length_c   65.320
_cell.angle_alpha   90.00
_cell.angle_beta   90.00
_cell.angle_gamma   90.00
#
_symmetry.space_group_name_H-M   'P 21 21 2'
#
loop_
_entity.id
_entity.type
_entity.pdbx_description
1 polymer 'Hydroxysteroid 17-beta dehydrogenase 13'
2 non-polymer NICOTINAMIDE-ADENINE-DINUCLEOTIDE
3 non-polymer 3-fluoro-N-({(1r,4r)-4-[(2-fluorophenoxy)methyl]-1-hydroxycyclohexyl}methyl)-4-hydroxybenzamide
4 water water
#
_entity_poly.entity_id   1
_entity_poly.type   'polypeptide(L)'
_entity_poly.pdbx_seq_one_letter_code
;MGNIILDLLLLLLTIIYSYLEALVKVFFPRKRKSVAGEIVLITGAGHGIGRWTAYEFAKQKSRLVLWDINKHGVEETAAE
CRKLGATVHTFVVDCGNREDIYNSVKQVKKEVGDVTILVNNAGTVYPADLLSTKDEEITKTFEINILGHFWITKALLPSM
IKRNHGHIVTVASVCGHEGIPYLIPYCSSKFAAVGFHRALTLELQALGITGIKTSCLCPVFVNTGFTKNPSTRLWPILET
DTVARSLIDGILTNKKMIFVPSYYNIYLILDKFLPERALAAINHLQNIQFEAVVGHKTRMKGSGHHHHHHHHHHH
;
_entity_poly.pdbx_strand_id   A,B
#
loop_
_chem_comp.id
_chem_comp.type
_chem_comp.name
_chem_comp.formula
NAD non-polymer NICOTINAMIDE-ADENINE-DINUCLEOTIDE 'C21 H27 N7 O14 P2'
YXW non-polymer 3-fluoro-N-({(1r,4r)-4-[(2-fluorophenoxy)methyl]-1-hydroxycyclohexyl}methyl)-4-hydroxybenzamide 'C21 H23 F2 N O4'
#
# COMPACT_ATOMS: atom_id res chain seq x y z
N LEU A 9 0.41 12.78 28.61
CA LEU A 9 0.53 13.73 27.51
C LEU A 9 -0.44 13.37 26.39
N LEU A 10 -0.32 12.13 25.84
CA LEU A 10 -1.14 11.63 24.74
C LEU A 10 -2.58 11.32 25.16
N LEU A 11 -2.81 10.95 26.43
CA LEU A 11 -4.14 10.67 26.98
C LEU A 11 -4.97 11.98 26.97
N LEU A 12 -4.30 13.13 27.15
CA LEU A 12 -4.94 14.44 27.11
C LEU A 12 -5.27 14.89 25.69
N LEU A 13 -4.35 14.66 24.73
CA LEU A 13 -4.54 14.99 23.32
C LEU A 13 -5.74 14.23 22.75
N THR A 14 -5.96 13.01 23.28
CA THR A 14 -7.07 12.11 22.96
C THR A 14 -8.40 12.74 23.40
N ILE A 15 -8.49 13.26 24.67
CA ILE A 15 -9.69 13.93 25.22
C ILE A 15 -9.94 15.28 24.51
N ILE A 16 -8.85 16.05 24.22
CA ILE A 16 -8.89 17.35 23.52
C ILE A 16 -9.44 17.19 22.07
N TYR A 17 -8.82 16.33 21.24
CA TYR A 17 -9.25 16.04 19.85
C TYR A 17 -10.68 15.50 19.82
N SER A 18 -11.01 14.53 20.71
CA SER A 18 -12.34 13.90 20.80
C SER A 18 -13.46 14.89 21.12
N TYR A 19 -13.24 15.78 22.11
CA TYR A 19 -14.22 16.78 22.51
C TYR A 19 -14.34 17.91 21.46
N LEU A 20 -13.21 18.25 20.77
CA LEU A 20 -13.16 19.26 19.71
C LEU A 20 -14.01 18.79 18.52
N GLU A 21 -13.91 17.49 18.18
CA GLU A 21 -14.65 16.84 17.10
C GLU A 21 -16.15 16.79 17.38
N ALA A 22 -16.55 16.39 18.61
CA ALA A 22 -17.96 16.30 19.03
C ALA A 22 -18.62 17.69 19.11
N LEU A 23 -17.78 18.75 19.21
CA LEU A 23 -18.18 20.16 19.25
C LEU A 23 -18.48 20.63 17.82
N VAL A 24 -17.57 20.34 16.87
CA VAL A 24 -17.70 20.70 15.44
C VAL A 24 -18.87 19.91 14.80
N LYS A 25 -19.11 18.66 15.26
CA LYS A 25 -20.17 17.76 14.79
C LYS A 25 -21.59 18.28 15.06
N VAL A 26 -21.72 19.23 16.02
CA VAL A 26 -23.01 19.85 16.38
C VAL A 26 -23.06 21.30 15.86
N PHE A 27 -21.91 22.02 15.91
CA PHE A 27 -21.78 23.41 15.45
C PHE A 27 -21.84 23.50 13.91
N PHE A 28 -21.00 22.74 13.21
CA PHE A 28 -20.94 22.69 11.73
C PHE A 28 -21.10 21.24 11.27
N PRO A 29 -22.33 20.67 11.29
CA PRO A 29 -22.50 19.26 10.89
C PRO A 29 -22.50 19.01 9.39
N ARG A 30 -22.06 17.81 8.99
CA ARG A 30 -22.07 17.35 7.60
C ARG A 30 -23.48 16.80 7.37
N LYS A 31 -24.09 17.06 6.19
CA LYS A 31 -25.45 16.58 5.95
C LYS A 31 -25.45 15.08 5.57
N ARG A 32 -26.45 14.35 6.12
CA ARG A 32 -26.62 12.90 5.95
C ARG A 32 -27.49 12.61 4.74
N LYS A 33 -27.02 11.75 3.84
CA LYS A 33 -27.80 11.35 2.66
C LYS A 33 -28.63 10.11 3.04
N SER A 34 -29.56 9.72 2.18
CA SER A 34 -30.35 8.51 2.37
C SER A 34 -29.72 7.40 1.51
N VAL A 35 -29.75 6.17 2.03
CA VAL A 35 -29.30 4.97 1.32
C VAL A 35 -30.49 3.97 1.19
N ALA A 36 -31.72 4.44 1.47
CA ALA A 36 -32.91 3.62 1.34
C ALA A 36 -33.13 3.27 -0.13
N GLY A 37 -33.30 1.99 -0.41
CA GLY A 37 -33.58 1.48 -1.75
C GLY A 37 -32.37 1.22 -2.61
N GLU A 38 -31.18 1.56 -2.10
CA GLU A 38 -29.89 1.35 -2.77
C GLU A 38 -29.58 -0.11 -2.68
N ILE A 39 -28.87 -0.66 -3.70
CA ILE A 39 -28.46 -2.06 -3.68
C ILE A 39 -27.05 -2.06 -3.09
N VAL A 40 -26.93 -2.51 -1.84
CA VAL A 40 -25.68 -2.57 -1.09
C VAL A 40 -25.08 -3.98 -1.11
N LEU A 41 -23.88 -4.14 -1.69
CA LEU A 41 -23.17 -5.43 -1.68
C LEU A 41 -22.13 -5.32 -0.58
N ILE A 42 -22.21 -6.22 0.43
CA ILE A 42 -21.23 -6.31 1.52
C ILE A 42 -20.50 -7.64 1.48
N THR A 43 -19.16 -7.60 1.39
CA THR A 43 -18.34 -8.82 1.38
C THR A 43 -17.92 -9.16 2.79
N GLY A 44 -17.66 -10.44 3.04
CA GLY A 44 -17.32 -10.95 4.35
C GLY A 44 -18.34 -10.54 5.38
N ALA A 45 -19.66 -10.60 5.00
CA ALA A 45 -20.82 -10.20 5.79
C ALA A 45 -21.36 -11.31 6.66
N GLY A 46 -20.64 -12.43 6.72
CA GLY A 46 -21.04 -13.59 7.51
C GLY A 46 -20.65 -13.55 8.95
N HIS A 47 -20.00 -12.45 9.37
CA HIS A 47 -19.49 -12.23 10.74
C HIS A 47 -18.90 -10.83 10.87
N GLY A 48 -18.61 -10.45 12.11
CA GLY A 48 -17.89 -9.25 12.53
C GLY A 48 -18.35 -7.94 11.98
N ILE A 49 -17.42 -7.15 11.44
CA ILE A 49 -17.73 -5.80 10.92
C ILE A 49 -18.75 -5.87 9.76
N GLY A 50 -18.53 -6.76 8.79
CA GLY A 50 -19.42 -6.95 7.65
C GLY A 50 -20.84 -7.32 8.04
N ARG A 51 -20.99 -8.12 9.10
CA ARG A 51 -22.30 -8.54 9.63
C ARG A 51 -23.01 -7.36 10.22
N TRP A 52 -22.34 -6.65 11.13
CA TRP A 52 -22.95 -5.53 11.85
C TRP A 52 -23.17 -4.30 10.95
N THR A 53 -22.40 -4.20 9.84
CA THR A 53 -22.57 -3.19 8.81
C THR A 53 -23.85 -3.52 8.04
N ALA A 54 -24.13 -4.82 7.81
CA ALA A 54 -25.34 -5.29 7.11
C ALA A 54 -26.57 -4.92 7.91
N TYR A 55 -26.46 -4.98 9.25
CA TYR A 55 -27.56 -4.62 10.18
C TYR A 55 -27.88 -3.13 10.12
N GLU A 56 -26.84 -2.28 10.01
CA GLU A 56 -26.99 -0.83 9.89
C GLU A 56 -27.68 -0.46 8.58
N PHE A 57 -27.28 -1.13 7.47
CA PHE A 57 -27.89 -0.94 6.16
C PHE A 57 -29.33 -1.41 6.10
N ALA A 58 -29.69 -2.48 6.85
CA ALA A 58 -31.05 -3.02 6.94
C ALA A 58 -31.97 -2.00 7.64
N LYS A 59 -31.46 -1.32 8.68
CA LYS A 59 -32.19 -0.28 9.41
C LYS A 59 -32.35 0.97 8.53
N GLN A 60 -31.40 1.19 7.60
CA GLN A 60 -31.37 2.31 6.65
C GLN A 60 -32.31 2.12 5.46
N LYS A 61 -32.91 0.93 5.36
CA LYS A 61 -33.89 0.47 4.36
C LYS A 61 -33.27 0.25 2.94
N SER A 62 -32.04 -0.25 2.92
CA SER A 62 -31.30 -0.60 1.68
C SER A 62 -31.68 -2.03 1.27
N ARG A 63 -31.43 -2.38 0.00
CA ARG A 63 -31.60 -3.73 -0.55
C ARG A 63 -30.21 -4.34 -0.34
N LEU A 64 -30.15 -5.52 0.25
CA LEU A 64 -28.85 -6.10 0.60
C LEU A 64 -28.44 -7.30 -0.17
N VAL A 65 -27.15 -7.31 -0.61
CA VAL A 65 -26.48 -8.41 -1.31
C VAL A 65 -25.29 -8.77 -0.41
N LEU A 66 -25.36 -9.94 0.21
CA LEU A 66 -24.33 -10.35 1.15
C LEU A 66 -23.52 -11.49 0.59
N TRP A 67 -22.19 -11.31 0.57
CA TRP A 67 -21.22 -12.29 0.09
C TRP A 67 -20.33 -12.78 1.20
N ASP A 68 -20.00 -14.08 1.20
CA ASP A 68 -19.06 -14.70 2.13
C ASP A 68 -18.80 -16.15 1.71
N ILE A 69 -17.67 -16.74 2.19
CA ILE A 69 -17.31 -18.15 1.97
C ILE A 69 -17.94 -19.03 3.07
N ASN A 70 -18.35 -18.36 4.17
CA ASN A 70 -19.07 -18.96 5.28
C ASN A 70 -20.56 -18.80 5.02
N LYS A 71 -21.15 -19.82 4.37
CA LYS A 71 -22.55 -19.92 4.00
C LYS A 71 -23.51 -19.75 5.18
N HIS A 72 -23.30 -20.52 6.28
CA HIS A 72 -24.11 -20.51 7.48
C HIS A 72 -24.09 -19.14 8.15
N GLY A 73 -22.89 -18.58 8.34
CA GLY A 73 -22.72 -17.25 8.92
C GLY A 73 -23.37 -16.15 8.09
N VAL A 74 -23.30 -16.25 6.74
CA VAL A 74 -23.88 -15.21 5.87
C VAL A 74 -25.42 -15.33 5.85
N GLU A 75 -25.98 -16.57 5.92
CA GLU A 75 -27.43 -16.77 5.97
C GLU A 75 -28.00 -16.38 7.34
N GLU A 76 -27.14 -16.43 8.37
CA GLU A 76 -27.45 -16.03 9.74
C GLU A 76 -27.55 -14.52 9.79
N THR A 77 -26.61 -13.81 9.13
CA THR A 77 -26.66 -12.33 9.02
C THR A 77 -27.95 -11.92 8.29
N ALA A 78 -28.26 -12.59 7.17
CA ALA A 78 -29.40 -12.32 6.31
C ALA A 78 -30.71 -12.49 7.04
N ALA A 79 -30.81 -13.52 7.90
CA ALA A 79 -32.01 -13.77 8.70
C ALA A 79 -32.25 -12.61 9.64
N GLU A 80 -31.19 -12.06 10.27
CA GLU A 80 -31.32 -10.89 11.15
C GLU A 80 -31.72 -9.61 10.41
N CYS A 81 -31.14 -9.42 9.21
CA CYS A 81 -31.45 -8.29 8.33
C CYS A 81 -32.92 -8.32 7.91
N ARG A 82 -33.46 -9.53 7.58
CA ARG A 82 -34.85 -9.74 7.21
C ARG A 82 -35.79 -9.44 8.38
N LYS A 83 -35.35 -9.74 9.63
CA LYS A 83 -36.12 -9.41 10.84
C LYS A 83 -36.20 -7.87 11.00
N LEU A 84 -35.14 -7.16 10.58
CA LEU A 84 -35.03 -5.70 10.59
C LEU A 84 -35.86 -5.03 9.47
N GLY A 85 -36.46 -5.85 8.61
CA GLY A 85 -37.37 -5.41 7.55
C GLY A 85 -36.80 -5.32 6.16
N ALA A 86 -35.51 -5.66 6.00
CA ALA A 86 -34.82 -5.57 4.71
C ALA A 86 -35.01 -6.77 3.78
N THR A 87 -34.91 -6.52 2.47
CA THR A 87 -34.89 -7.53 1.43
C THR A 87 -33.42 -7.89 1.27
N VAL A 88 -33.09 -9.17 1.37
CA VAL A 88 -31.70 -9.63 1.35
C VAL A 88 -31.49 -10.82 0.42
N HIS A 89 -30.40 -10.77 -0.38
CA HIS A 89 -29.92 -11.83 -1.26
C HIS A 89 -28.51 -12.27 -0.79
N THR A 90 -28.29 -13.58 -0.55
CA THR A 90 -26.98 -14.11 -0.16
C THR A 90 -26.34 -14.94 -1.27
N PHE A 91 -25.02 -14.91 -1.34
CA PHE A 91 -24.25 -15.68 -2.31
C PHE A 91 -22.99 -16.15 -1.61
N VAL A 92 -22.57 -17.41 -1.89
CA VAL A 92 -21.32 -17.97 -1.37
C VAL A 92 -20.25 -17.63 -2.42
N VAL A 93 -19.38 -16.66 -2.11
CA VAL A 93 -18.39 -16.16 -3.06
C VAL A 93 -17.03 -16.02 -2.40
N ASP A 94 -15.99 -16.59 -3.03
CA ASP A 94 -14.62 -16.44 -2.60
C ASP A 94 -14.18 -15.11 -3.19
N CYS A 95 -14.06 -14.09 -2.30
CA CYS A 95 -13.75 -12.72 -2.65
C CYS A 95 -12.26 -12.47 -2.90
N GLY A 96 -11.49 -13.55 -2.99
CA GLY A 96 -10.10 -13.57 -3.35
C GLY A 96 -9.93 -14.31 -4.67
N ASN A 97 -11.04 -14.83 -5.24
CA ASN A 97 -11.04 -15.59 -6.49
C ASN A 97 -11.75 -14.79 -7.59
N ARG A 98 -10.93 -14.24 -8.52
CA ARG A 98 -11.29 -13.43 -9.68
C ARG A 98 -12.41 -14.05 -10.53
N GLU A 99 -12.31 -15.32 -10.89
CA GLU A 99 -13.29 -16.07 -11.68
C GLU A 99 -14.63 -16.20 -10.93
N ASP A 100 -14.58 -16.53 -9.61
CA ASP A 100 -15.76 -16.68 -8.74
C ASP A 100 -16.47 -15.34 -8.59
N ILE A 101 -15.69 -14.24 -8.45
CA ILE A 101 -16.24 -12.87 -8.32
C ILE A 101 -17.02 -12.48 -9.57
N TYR A 102 -16.41 -12.67 -10.76
CA TYR A 102 -17.01 -12.29 -12.04
C TYR A 102 -18.28 -13.04 -12.35
N ASN A 103 -18.31 -14.37 -12.10
CA ASN A 103 -19.49 -15.20 -12.32
C ASN A 103 -20.62 -14.79 -11.38
N SER A 104 -20.29 -14.46 -10.12
CA SER A 104 -21.24 -14.05 -9.09
C SER A 104 -21.82 -12.69 -9.37
N VAL A 105 -21.02 -11.78 -9.99
CA VAL A 105 -21.48 -10.46 -10.43
C VAL A 105 -22.55 -10.67 -11.53
N LYS A 106 -22.39 -11.73 -12.39
CA LYS A 106 -23.39 -12.07 -13.42
C LYS A 106 -24.72 -12.46 -12.76
N GLN A 107 -24.62 -13.22 -11.67
CA GLN A 107 -25.77 -13.70 -10.94
C GLN A 107 -26.44 -12.58 -10.17
N VAL A 108 -25.65 -11.65 -9.60
CA VAL A 108 -26.20 -10.50 -8.87
C VAL A 108 -26.98 -9.62 -9.85
N LYS A 109 -26.43 -9.40 -11.04
CA LYS A 109 -27.07 -8.61 -12.09
C LYS A 109 -28.43 -9.19 -12.53
N LYS A 110 -28.47 -10.51 -12.75
CA LYS A 110 -29.66 -11.26 -13.16
C LYS A 110 -30.73 -11.37 -12.08
N GLU A 111 -30.34 -11.47 -10.79
CA GLU A 111 -31.30 -11.65 -9.70
C GLU A 111 -31.75 -10.39 -8.97
N VAL A 112 -30.83 -9.44 -8.75
CA VAL A 112 -31.08 -8.23 -7.97
C VAL A 112 -31.07 -6.97 -8.83
N GLY A 113 -30.01 -6.81 -9.61
CA GLY A 113 -29.80 -5.66 -10.47
C GLY A 113 -28.41 -5.09 -10.29
N ASP A 114 -28.28 -3.77 -10.45
CA ASP A 114 -27.01 -3.06 -10.34
C ASP A 114 -26.71 -2.56 -8.94
N VAL A 115 -25.57 -3.04 -8.34
CA VAL A 115 -25.11 -2.61 -7.04
C VAL A 115 -24.75 -1.12 -7.15
N THR A 116 -25.22 -0.31 -6.17
CA THR A 116 -24.94 1.13 -6.08
C THR A 116 -23.95 1.45 -4.95
N ILE A 117 -23.86 0.59 -3.91
CA ILE A 117 -22.93 0.76 -2.80
C ILE A 117 -22.16 -0.53 -2.62
N LEU A 118 -20.83 -0.49 -2.77
CA LEU A 118 -19.98 -1.65 -2.61
C LEU A 118 -19.16 -1.50 -1.35
N VAL A 119 -19.27 -2.49 -0.43
CA VAL A 119 -18.47 -2.52 0.81
C VAL A 119 -17.47 -3.66 0.72
N ASN A 120 -16.19 -3.35 0.43
CA ASN A 120 -15.11 -4.33 0.37
C ASN A 120 -14.56 -4.60 1.79
N ASN A 121 -15.26 -5.47 2.53
CA ASN A 121 -14.97 -5.82 3.92
C ASN A 121 -14.19 -7.13 4.11
N ALA A 122 -14.50 -8.20 3.36
CA ALA A 122 -13.80 -9.48 3.48
C ALA A 122 -12.29 -9.28 3.59
N GLY A 123 -11.70 -9.99 4.53
CA GLY A 123 -10.29 -9.92 4.84
C GLY A 123 -9.77 -11.18 5.51
N THR A 124 -8.43 -11.30 5.54
CA THR A 124 -7.70 -12.42 6.12
C THR A 124 -6.37 -11.96 6.73
N VAL A 125 -5.91 -12.73 7.71
CA VAL A 125 -4.69 -12.45 8.46
C VAL A 125 -4.17 -13.76 9.01
N TYR A 126 -2.85 -13.90 8.95
CA TYR A 126 -2.07 -15.00 9.53
C TYR A 126 -0.93 -14.40 10.35
N PRO A 127 -1.18 -13.93 11.59
CA PRO A 127 -0.07 -13.33 12.38
C PRO A 127 1.10 -14.30 12.57
N ALA A 128 2.32 -13.78 12.35
CA ALA A 128 3.61 -14.48 12.44
C ALA A 128 4.71 -13.50 12.03
N ASP A 129 5.93 -13.68 12.56
CA ASP A 129 7.07 -12.86 12.13
C ASP A 129 7.37 -13.29 10.68
N LEU A 130 8.00 -12.40 9.89
CA LEU A 130 8.26 -12.65 8.48
C LEU A 130 8.79 -14.05 8.15
N LEU A 131 9.79 -14.52 8.91
CA LEU A 131 10.43 -15.79 8.61
C LEU A 131 9.61 -17.03 9.03
N SER A 132 8.56 -16.81 9.84
CA SER A 132 7.60 -17.85 10.27
C SER A 132 6.35 -17.91 9.40
N THR A 133 6.13 -16.91 8.53
CA THR A 133 4.96 -16.90 7.63
C THR A 133 5.10 -18.01 6.56
N LYS A 134 3.98 -18.50 6.02
CA LYS A 134 3.96 -19.48 4.93
C LYS A 134 3.73 -18.65 3.67
N ASP A 135 4.40 -18.98 2.55
CA ASP A 135 4.25 -18.22 1.29
C ASP A 135 2.81 -18.21 0.76
N GLU A 136 2.10 -19.33 0.95
CA GLU A 136 0.69 -19.57 0.56
C GLU A 136 -0.24 -18.60 1.28
N GLU A 137 0.14 -18.23 2.51
CA GLU A 137 -0.62 -17.34 3.35
C GLU A 137 -0.34 -15.87 3.02
N ILE A 138 0.87 -15.53 2.52
CA ILE A 138 1.17 -14.18 2.07
C ILE A 138 0.29 -13.90 0.83
N THR A 139 0.26 -14.87 -0.14
CA THR A 139 -0.55 -14.83 -1.36
C THR A 139 -2.04 -14.67 -1.02
N LYS A 140 -2.61 -15.53 -0.15
CA LYS A 140 -4.03 -15.46 0.29
C LYS A 140 -4.34 -14.06 0.85
N THR A 141 -3.44 -13.50 1.72
CA THR A 141 -3.61 -12.18 2.31
C THR A 141 -3.79 -11.12 1.21
N PHE A 142 -2.88 -11.09 0.21
CA PHE A 142 -2.99 -10.14 -0.90
C PHE A 142 -4.21 -10.38 -1.78
N GLU A 143 -4.50 -11.65 -2.08
CA GLU A 143 -5.60 -12.07 -2.93
C GLU A 143 -6.96 -11.58 -2.45
N ILE A 144 -7.19 -11.66 -1.13
CA ILE A 144 -8.44 -11.27 -0.46
C ILE A 144 -8.46 -9.78 -0.05
N ASN A 145 -7.41 -9.30 0.65
CA ASN A 145 -7.37 -7.95 1.20
C ASN A 145 -7.18 -6.83 0.20
N ILE A 146 -6.74 -7.13 -1.03
CA ILE A 146 -6.57 -6.05 -2.00
C ILE A 146 -6.94 -6.47 -3.42
N LEU A 147 -6.37 -7.59 -3.92
CA LEU A 147 -6.63 -8.02 -5.30
C LEU A 147 -8.13 -8.24 -5.57
N GLY A 148 -8.84 -8.77 -4.57
CA GLY A 148 -10.28 -8.96 -4.62
C GLY A 148 -11.01 -7.65 -4.75
N HIS A 149 -10.49 -6.58 -4.10
CA HIS A 149 -11.09 -5.25 -4.22
C HIS A 149 -11.02 -4.76 -5.67
N PHE A 150 -9.93 -5.10 -6.40
CA PHE A 150 -9.81 -4.70 -7.80
C PHE A 150 -10.86 -5.35 -8.65
N TRP A 151 -11.00 -6.69 -8.57
CA TRP A 151 -11.95 -7.45 -9.40
C TRP A 151 -13.40 -7.10 -9.12
N ILE A 152 -13.78 -6.90 -7.85
CA ILE A 152 -15.15 -6.54 -7.49
C ILE A 152 -15.46 -5.10 -7.94
N THR A 153 -14.58 -4.13 -7.66
CA THR A 153 -14.76 -2.72 -8.07
C THR A 153 -14.83 -2.60 -9.58
N LYS A 154 -13.91 -3.24 -10.32
CA LYS A 154 -13.91 -3.23 -11.80
C LYS A 154 -15.24 -3.79 -12.38
N ALA A 155 -15.82 -4.83 -11.75
CA ALA A 155 -17.08 -5.44 -12.19
C ALA A 155 -18.27 -4.54 -11.94
N LEU A 156 -18.28 -3.82 -10.79
CA LEU A 156 -19.42 -3.02 -10.37
C LEU A 156 -19.38 -1.54 -10.74
N LEU A 157 -18.17 -0.99 -10.95
CA LEU A 157 -17.98 0.42 -11.33
C LEU A 157 -18.64 0.84 -12.63
N PRO A 158 -18.67 0.02 -13.73
CA PRO A 158 -19.24 0.53 -14.99
C PRO A 158 -20.67 1.02 -14.92
N SER A 159 -21.53 0.35 -14.12
CA SER A 159 -22.95 0.76 -13.98
C SER A 159 -23.07 2.03 -13.12
N MET A 160 -22.20 2.17 -12.11
CA MET A 160 -22.17 3.34 -11.22
C MET A 160 -21.75 4.58 -12.03
N ILE A 161 -20.77 4.43 -12.94
CA ILE A 161 -20.27 5.50 -13.81
C ILE A 161 -21.38 5.94 -14.78
N LYS A 162 -22.06 4.97 -15.42
CA LYS A 162 -23.14 5.17 -16.38
C LYS A 162 -24.25 6.02 -15.80
N ARG A 163 -24.56 5.80 -14.51
CA ARG A 163 -25.62 6.50 -13.79
C ARG A 163 -25.08 7.68 -12.96
N ASN A 164 -23.75 7.84 -12.90
CA ASN A 164 -23.03 8.85 -12.10
C ASN A 164 -23.51 8.83 -10.66
N HIS A 165 -23.53 7.64 -10.05
CA HIS A 165 -24.05 7.45 -8.70
C HIS A 165 -23.56 6.14 -8.14
N GLY A 166 -22.86 6.23 -7.02
CA GLY A 166 -22.30 5.06 -6.36
C GLY A 166 -21.46 5.44 -5.17
N HIS A 167 -21.08 4.46 -4.38
CA HIS A 167 -20.24 4.66 -3.21
C HIS A 167 -19.40 3.41 -3.07
N ILE A 168 -18.06 3.58 -3.12
CA ILE A 168 -17.06 2.50 -2.99
C ILE A 168 -16.45 2.60 -1.60
N VAL A 169 -16.79 1.63 -0.76
CA VAL A 169 -16.29 1.56 0.61
C VAL A 169 -15.13 0.51 0.75
N THR A 170 -13.92 0.98 1.13
CA THR A 170 -12.73 0.15 1.35
C THR A 170 -12.58 -0.03 2.84
N VAL A 171 -12.67 -1.29 3.31
CA VAL A 171 -12.43 -1.59 4.72
C VAL A 171 -10.95 -1.96 4.83
N ALA A 172 -10.15 -1.04 5.35
CA ALA A 172 -8.71 -1.26 5.51
C ALA A 172 -8.41 -1.59 6.99
N SER A 173 -7.68 -0.71 7.71
CA SER A 173 -7.25 -0.87 9.11
C SER A 173 -6.31 0.29 9.43
N VAL A 174 -5.97 0.49 10.71
CA VAL A 174 -4.92 1.44 11.06
C VAL A 174 -3.55 0.86 10.59
N CYS A 175 -3.54 -0.48 10.27
CA CYS A 175 -2.43 -1.26 9.73
C CYS A 175 -2.10 -0.85 8.29
N GLY A 176 -2.98 -0.08 7.68
CA GLY A 176 -2.79 0.49 6.35
C GLY A 176 -2.17 1.87 6.42
N HIS A 177 -1.93 2.35 7.66
CA HIS A 177 -1.34 3.66 7.99
C HIS A 177 -0.07 3.52 8.77
N GLU A 178 0.01 2.48 9.62
CA GLU A 178 1.23 2.19 10.38
C GLU A 178 1.59 0.71 10.35
N GLY A 179 2.88 0.41 10.40
CA GLY A 179 3.35 -0.96 10.42
C GLY A 179 3.18 -1.56 11.80
N ILE A 180 2.94 -2.88 11.86
CA ILE A 180 2.81 -3.63 13.13
C ILE A 180 3.69 -4.91 13.14
N PRO A 181 4.59 -5.12 14.13
CA PRO A 181 5.32 -6.40 14.18
C PRO A 181 4.36 -7.60 14.17
N TYR A 182 4.81 -8.72 13.56
CA TYR A 182 4.06 -9.97 13.40
C TYR A 182 2.88 -9.85 12.40
N LEU A 183 2.70 -8.67 11.78
CA LEU A 183 1.67 -8.43 10.78
C LEU A 183 2.22 -7.81 9.50
N ILE A 184 3.44 -8.15 9.10
CA ILE A 184 4.09 -7.59 7.89
C ILE A 184 3.26 -7.87 6.63
N PRO A 185 2.91 -9.14 6.24
CA PRO A 185 2.08 -9.34 5.03
C PRO A 185 0.73 -8.63 5.07
N TYR A 186 0.10 -8.63 6.27
CA TYR A 186 -1.18 -8.00 6.55
C TYR A 186 -1.14 -6.48 6.42
N CYS A 187 -0.18 -5.80 7.08
CA CYS A 187 0.00 -4.34 7.00
C CYS A 187 0.23 -3.91 5.56
N SER A 188 1.10 -4.65 4.85
CA SER A 188 1.45 -4.40 3.46
C SER A 188 0.20 -4.43 2.57
N SER A 189 -0.69 -5.44 2.77
CA SER A 189 -1.95 -5.59 2.05
C SER A 189 -2.97 -4.49 2.42
N LYS A 190 -2.91 -4.01 3.68
CA LYS A 190 -3.79 -2.96 4.17
C LYS A 190 -3.33 -1.57 3.68
N PHE A 191 -2.00 -1.34 3.52
CA PHE A 191 -1.44 -0.12 2.94
C PHE A 191 -1.94 -0.04 1.47
N ALA A 192 -1.90 -1.19 0.77
CA ALA A 192 -2.39 -1.37 -0.59
C ALA A 192 -3.88 -1.01 -0.70
N ALA A 193 -4.71 -1.35 0.31
CA ALA A 193 -6.13 -1.01 0.34
C ALA A 193 -6.35 0.52 0.48
N VAL A 194 -5.56 1.17 1.34
CA VAL A 194 -5.55 2.63 1.56
C VAL A 194 -5.13 3.35 0.25
N GLY A 195 -4.11 2.84 -0.41
CA GLY A 195 -3.63 3.37 -1.69
C GLY A 195 -4.63 3.24 -2.81
N PHE A 196 -5.35 2.10 -2.87
CA PHE A 196 -6.39 1.84 -3.87
C PHE A 196 -7.49 2.90 -3.69
N HIS A 197 -7.94 3.10 -2.43
CA HIS A 197 -8.95 4.08 -2.09
C HIS A 197 -8.51 5.50 -2.47
N ARG A 198 -7.27 5.89 -2.12
CA ARG A 198 -6.75 7.24 -2.41
C ARG A 198 -6.64 7.52 -3.90
N ALA A 199 -6.00 6.61 -4.66
CA ALA A 199 -5.84 6.74 -6.12
C ALA A 199 -7.20 6.69 -6.83
N LEU A 200 -8.15 5.84 -6.35
CA LEU A 200 -9.52 5.74 -6.89
C LEU A 200 -10.29 7.06 -6.73
N THR A 201 -10.20 7.68 -5.53
CA THR A 201 -10.84 8.99 -5.24
C THR A 201 -10.34 10.03 -6.24
N LEU A 202 -9.00 10.17 -6.35
CA LEU A 202 -8.33 11.12 -7.23
C LEU A 202 -8.61 10.90 -8.72
N GLU A 203 -8.67 9.62 -9.18
CA GLU A 203 -8.98 9.30 -10.59
C GLU A 203 -10.41 9.68 -10.99
N LEU A 204 -11.42 9.31 -10.16
CA LEU A 204 -12.84 9.66 -10.40
C LEU A 204 -12.96 11.18 -10.54
N GLN A 205 -12.27 11.94 -9.66
CA GLN A 205 -12.23 13.39 -9.65
C GLN A 205 -11.64 13.88 -10.98
N ALA A 206 -10.45 13.37 -11.36
CA ALA A 206 -9.75 13.71 -12.60
C ALA A 206 -10.57 13.39 -13.85
N LEU A 207 -11.37 12.31 -13.80
CA LEU A 207 -12.23 11.87 -14.91
C LEU A 207 -13.57 12.60 -14.96
N GLY A 208 -13.78 13.53 -14.03
CA GLY A 208 -15.00 14.33 -13.94
C GLY A 208 -16.20 13.56 -13.42
N ILE A 209 -15.99 12.44 -12.71
CA ILE A 209 -17.06 11.61 -12.15
C ILE A 209 -17.40 12.10 -10.72
N THR A 210 -18.44 12.94 -10.63
CA THR A 210 -18.85 13.59 -9.38
C THR A 210 -19.81 12.79 -8.49
N GLY A 211 -20.52 11.80 -9.05
CA GLY A 211 -21.53 11.04 -8.34
C GLY A 211 -21.10 9.82 -7.56
N ILE A 212 -19.85 9.37 -7.78
CA ILE A 212 -19.32 8.20 -7.11
C ILE A 212 -18.46 8.63 -5.94
N LYS A 213 -18.91 8.28 -4.74
CA LYS A 213 -18.22 8.63 -3.49
C LYS A 213 -17.35 7.47 -3.01
N THR A 214 -16.37 7.78 -2.14
CA THR A 214 -15.44 6.78 -1.61
C THR A 214 -15.22 7.03 -0.14
N SER A 215 -15.21 5.95 0.63
CA SER A 215 -14.95 5.96 2.07
C SER A 215 -13.98 4.85 2.36
N CYS A 216 -13.08 5.07 3.32
CA CYS A 216 -12.09 4.10 3.75
C CYS A 216 -12.19 3.97 5.26
N LEU A 217 -12.55 2.76 5.73
CA LEU A 217 -12.68 2.49 7.15
C LEU A 217 -11.38 1.95 7.71
N CYS A 218 -10.81 2.65 8.69
CA CYS A 218 -9.57 2.25 9.33
C CYS A 218 -9.69 2.07 10.83
N PRO A 219 -10.20 0.92 11.29
CA PRO A 219 -10.29 0.68 12.73
C PRO A 219 -8.97 0.16 13.34
N VAL A 220 -8.85 0.28 14.68
CA VAL A 220 -7.74 -0.30 15.45
C VAL A 220 -8.24 -1.72 15.75
N PHE A 221 -7.66 -2.43 16.75
CA PHE A 221 -8.15 -3.76 17.12
C PHE A 221 -9.67 -3.73 17.47
N VAL A 222 -10.43 -4.68 16.91
CA VAL A 222 -11.86 -4.89 17.17
C VAL A 222 -12.01 -6.35 17.66
N ASN A 223 -12.84 -6.54 18.72
CA ASN A 223 -13.15 -7.81 19.37
C ASN A 223 -14.14 -8.65 18.51
N THR A 224 -13.64 -9.21 17.39
CA THR A 224 -14.41 -10.04 16.43
C THR A 224 -13.81 -11.47 16.38
N GLY A 225 -12.69 -11.66 17.06
CA GLY A 225 -11.98 -12.93 17.02
C GLY A 225 -11.13 -13.03 15.75
N PHE A 226 -11.03 -11.94 14.95
CA PHE A 226 -10.19 -11.90 13.73
C PHE A 226 -8.72 -12.30 14.10
N THR A 227 -8.20 -11.74 15.21
CA THR A 227 -6.89 -12.04 15.78
C THR A 227 -7.02 -12.13 17.30
N LYS A 228 -6.13 -12.92 17.94
CA LYS A 228 -5.97 -13.10 19.38
C LYS A 228 -5.76 -11.72 20.00
N ASN A 229 -6.40 -11.47 21.14
CA ASN A 229 -6.35 -10.21 21.87
C ASN A 229 -4.91 -9.88 22.33
N PRO A 230 -4.39 -8.65 22.08
CA PRO A 230 -3.00 -8.32 22.48
C PRO A 230 -2.72 -8.40 23.99
N LEU A 238 -12.58 -1.75 21.79
CA LEU A 238 -13.39 -1.41 20.61
C LEU A 238 -14.26 -2.58 20.18
N GLU A 239 -15.58 -2.40 20.32
CA GLU A 239 -16.61 -3.40 19.99
C GLU A 239 -17.13 -3.29 18.54
N THR A 240 -17.65 -4.41 18.00
CA THR A 240 -18.13 -4.55 16.62
C THR A 240 -19.25 -3.57 16.23
N ASP A 241 -20.26 -3.40 17.10
CA ASP A 241 -21.39 -2.52 16.83
C ASP A 241 -20.97 -1.04 16.72
N THR A 242 -19.93 -0.65 17.49
CA THR A 242 -19.34 0.70 17.50
C THR A 242 -18.72 1.00 16.12
N VAL A 243 -17.99 0.03 15.57
CA VAL A 243 -17.30 0.12 14.28
C VAL A 243 -18.31 0.21 13.15
N ALA A 244 -19.34 -0.66 13.18
CA ALA A 244 -20.45 -0.67 12.21
C ALA A 244 -21.22 0.68 12.21
N ARG A 245 -21.43 1.30 13.41
CA ARG A 245 -22.07 2.61 13.57
C ARG A 245 -21.19 3.71 12.97
N SER A 246 -19.89 3.68 13.24
CA SER A 246 -18.92 4.65 12.74
C SER A 246 -18.87 4.63 11.21
N LEU A 247 -18.83 3.41 10.61
CA LEU A 247 -18.84 3.21 9.18
C LEU A 247 -20.11 3.79 8.54
N ILE A 248 -21.32 3.40 9.04
CA ILE A 248 -22.58 3.89 8.49
C ILE A 248 -22.66 5.42 8.59
N ASP A 249 -22.23 6.02 9.72
CA ASP A 249 -22.23 7.48 9.89
C ASP A 249 -21.25 8.15 8.93
N GLY A 250 -20.14 7.48 8.60
CA GLY A 250 -19.15 7.93 7.64
C GLY A 250 -19.65 7.91 6.20
N ILE A 251 -20.29 6.80 5.79
CA ILE A 251 -20.89 6.63 4.46
C ILE A 251 -21.99 7.68 4.17
N LEU A 252 -22.91 7.84 5.13
CA LEU A 252 -24.06 8.74 5.03
C LEU A 252 -23.67 10.20 4.90
N THR A 253 -22.49 10.53 5.41
CA THR A 253 -21.96 11.87 5.51
C THR A 253 -20.85 12.08 4.47
N ASN A 254 -20.63 11.08 3.60
CA ASN A 254 -19.62 11.04 2.53
C ASN A 254 -18.18 11.30 3.02
N LYS A 255 -17.85 10.84 4.24
CA LYS A 255 -16.52 10.98 4.84
C LYS A 255 -15.55 10.02 4.15
N LYS A 256 -14.44 10.55 3.63
CA LYS A 256 -13.43 9.78 2.91
C LYS A 256 -12.61 8.85 3.79
N MET A 257 -12.08 9.34 4.93
CA MET A 257 -11.22 8.54 5.82
C MET A 257 -11.84 8.41 7.20
N ILE A 258 -12.35 7.22 7.54
CA ILE A 258 -13.04 6.97 8.81
C ILE A 258 -12.14 6.16 9.74
N PHE A 259 -11.51 6.84 10.69
CA PHE A 259 -10.65 6.18 11.69
C PHE A 259 -11.52 5.81 12.86
N VAL A 260 -11.32 4.59 13.40
CA VAL A 260 -12.10 4.11 14.54
C VAL A 260 -11.11 3.63 15.61
N PRO A 261 -10.95 4.37 16.74
CA PRO A 261 -11.64 5.62 17.13
C PRO A 261 -11.13 6.81 16.32
N SER A 262 -12.01 7.78 16.02
CA SER A 262 -11.66 8.96 15.21
C SER A 262 -10.43 9.72 15.71
N TYR A 263 -10.19 9.74 17.05
CA TYR A 263 -9.04 10.40 17.69
C TYR A 263 -7.70 9.74 17.35
N TYR A 264 -7.72 8.55 16.72
CA TYR A 264 -6.49 7.84 16.38
C TYR A 264 -5.60 8.60 15.39
N ASN A 265 -6.20 9.49 14.61
CA ASN A 265 -5.54 10.37 13.64
C ASN A 265 -4.45 11.27 14.28
N ILE A 266 -4.53 11.61 15.59
CA ILE A 266 -3.47 12.43 16.23
C ILE A 266 -2.12 11.69 16.21
N TYR A 267 -2.11 10.36 16.45
CA TYR A 267 -0.90 9.54 16.44
C TYR A 267 -0.30 9.51 15.04
N LEU A 268 -1.17 9.48 14.02
CA LEU A 268 -0.78 9.50 12.62
C LEU A 268 -0.21 10.85 12.20
N ILE A 269 -0.81 11.97 12.68
CA ILE A 269 -0.32 13.33 12.42
C ILE A 269 1.02 13.51 13.17
N LEU A 270 1.15 12.94 14.38
CA LEU A 270 2.37 13.01 15.19
C LEU A 270 3.54 12.29 14.57
N ASP A 271 3.31 11.09 14.00
CA ASP A 271 4.33 10.27 13.32
C ASP A 271 5.00 10.98 12.15
N LYS A 272 4.25 11.85 11.44
CA LYS A 272 4.72 12.67 10.32
C LYS A 272 5.55 13.90 10.75
N PHE A 273 6.05 13.91 12.00
CA PHE A 273 6.89 14.98 12.58
C PHE A 273 8.06 14.40 13.38
N ASN B 3 -4.37 30.91 -7.19
CA ASN B 3 -3.54 30.21 -8.16
C ASN B 3 -2.12 30.78 -8.25
N ILE B 4 -1.99 32.12 -8.33
CA ILE B 4 -0.70 32.84 -8.37
C ILE B 4 -0.14 32.86 -6.93
N ILE B 5 -1.04 33.05 -5.93
CA ILE B 5 -0.77 33.11 -4.50
C ILE B 5 -0.29 31.75 -3.95
N LEU B 6 -0.99 30.63 -4.29
CA LEU B 6 -0.61 29.28 -3.84
C LEU B 6 0.68 28.78 -4.51
N ASP B 7 1.00 29.29 -5.73
CA ASP B 7 2.23 28.94 -6.45
C ASP B 7 3.43 29.56 -5.72
N LEU B 8 3.35 30.88 -5.40
CA LEU B 8 4.39 31.64 -4.69
C LEU B 8 4.58 31.19 -3.22
N LEU B 9 3.51 30.60 -2.62
CA LEU B 9 3.50 30.10 -1.24
C LEU B 9 4.31 28.80 -1.12
N LEU B 10 3.97 27.78 -1.94
CA LEU B 10 4.63 26.48 -1.95
C LEU B 10 6.03 26.49 -2.55
N LEU B 11 6.31 27.44 -3.50
CA LEU B 11 7.61 27.65 -4.15
C LEU B 11 8.61 28.17 -3.10
N LEU B 12 8.17 29.06 -2.18
CA LEU B 12 9.00 29.61 -1.10
C LEU B 12 9.44 28.49 -0.15
N LEU B 13 8.52 27.55 0.17
CA LEU B 13 8.77 26.37 1.02
C LEU B 13 9.65 25.30 0.34
N THR B 14 9.70 25.30 -1.01
CA THR B 14 10.54 24.42 -1.85
C THR B 14 12.00 24.94 -1.72
N ILE B 15 12.16 26.20 -1.26
CA ILE B 15 13.45 26.85 -1.03
C ILE B 15 13.78 26.86 0.49
N ILE B 16 12.76 27.14 1.35
CA ILE B 16 12.88 27.19 2.83
C ILE B 16 13.29 25.81 3.40
N TYR B 17 12.50 24.73 3.14
CA TYR B 17 12.77 23.36 3.60
C TYR B 17 14.11 22.85 3.06
N SER B 18 14.39 23.08 1.76
CA SER B 18 15.63 22.66 1.08
C SER B 18 16.89 23.28 1.68
N TYR B 19 16.87 24.60 1.94
CA TYR B 19 18.01 25.31 2.52
C TYR B 19 18.17 25.00 4.02
N LEU B 20 17.04 24.74 4.74
CA LEU B 20 17.04 24.35 6.15
C LEU B 20 17.73 23.00 6.32
N GLU B 21 17.44 22.05 5.40
CA GLU B 21 18.00 20.70 5.36
C GLU B 21 19.51 20.72 5.06
N ALA B 22 19.94 21.50 4.05
CA ALA B 22 21.35 21.63 3.66
C ALA B 22 22.19 22.32 4.76
N LEU B 23 21.50 23.05 5.66
CA LEU B 23 22.09 23.75 6.81
C LEU B 23 22.33 22.75 7.94
N VAL B 24 21.32 21.91 8.26
CA VAL B 24 21.39 20.86 9.30
C VAL B 24 22.39 19.75 8.87
N LYS B 25 22.50 19.48 7.55
CA LYS B 25 23.39 18.47 6.96
C LYS B 25 24.88 18.80 7.16
N VAL B 26 25.22 20.06 7.46
CA VAL B 26 26.59 20.52 7.70
C VAL B 26 26.79 20.80 9.21
N PHE B 27 25.75 21.36 9.88
CA PHE B 27 25.78 21.69 11.31
C PHE B 27 25.73 20.42 12.19
N PHE B 28 24.73 19.54 11.97
CA PHE B 28 24.57 18.28 12.69
C PHE B 28 24.49 17.12 11.68
N PRO B 29 25.63 16.69 11.10
CA PRO B 29 25.58 15.63 10.08
C PRO B 29 25.42 14.21 10.60
N ARG B 30 24.81 13.33 9.79
CA ARG B 30 24.67 11.91 10.07
C ARG B 30 25.99 11.27 9.58
N LYS B 31 26.56 10.32 10.35
CA LYS B 31 27.83 9.71 9.92
C LYS B 31 27.60 8.65 8.83
N ARG B 32 28.52 8.61 7.84
CA ARG B 32 28.48 7.73 6.69
C ARG B 32 29.24 6.43 6.97
N LYS B 33 28.59 5.28 6.76
CA LYS B 33 29.22 3.98 6.96
C LYS B 33 29.91 3.56 5.65
N SER B 34 30.74 2.50 5.70
CA SER B 34 31.37 1.95 4.50
C SER B 34 30.55 0.73 4.06
N VAL B 35 30.48 0.54 2.74
CA VAL B 35 29.81 -0.61 2.11
C VAL B 35 30.82 -1.39 1.23
N ALA B 36 32.14 -1.06 1.37
CA ALA B 36 33.20 -1.74 0.64
C ALA B 36 33.26 -3.19 1.08
N GLY B 37 33.26 -4.10 0.10
CA GLY B 37 33.35 -5.55 0.33
C GLY B 37 32.07 -6.25 0.69
N GLU B 38 30.96 -5.49 0.84
CA GLU B 38 29.61 -6.00 1.13
C GLU B 38 29.10 -6.60 -0.15
N ILE B 39 28.24 -7.64 -0.04
CA ILE B 39 27.64 -8.27 -1.19
C ILE B 39 26.29 -7.60 -1.39
N VAL B 40 26.20 -6.77 -2.42
CA VAL B 40 24.97 -6.00 -2.73
C VAL B 40 24.20 -6.65 -3.89
N LEU B 41 22.96 -7.09 -3.64
CA LEU B 41 22.10 -7.63 -4.68
C LEU B 41 21.16 -6.52 -5.08
N ILE B 42 21.18 -6.12 -6.39
CA ILE B 42 20.29 -5.12 -6.94
C ILE B 42 19.38 -5.75 -8.01
N THR B 43 18.03 -5.67 -7.83
CA THR B 43 17.03 -6.15 -8.80
C THR B 43 16.69 -5.01 -9.76
N GLY B 44 16.45 -5.34 -11.03
CA GLY B 44 16.16 -4.34 -12.04
C GLY B 44 17.36 -3.50 -12.39
N ALA B 45 18.57 -4.08 -12.20
CA ALA B 45 19.89 -3.49 -12.46
C ALA B 45 20.17 -3.30 -13.97
N GLY B 46 19.30 -3.85 -14.82
CA GLY B 46 19.41 -3.76 -16.27
C GLY B 46 19.25 -2.38 -16.88
N HIS B 47 18.55 -1.46 -16.19
CA HIS B 47 18.26 -0.11 -16.69
C HIS B 47 17.94 0.83 -15.52
N GLY B 48 17.81 2.13 -15.81
CA GLY B 48 17.33 3.21 -14.95
C GLY B 48 17.94 3.34 -13.59
N ILE B 49 17.07 3.41 -12.54
CA ILE B 49 17.53 3.59 -11.16
C ILE B 49 18.43 2.43 -10.69
N GLY B 50 18.05 1.19 -10.97
CA GLY B 50 18.81 -0.01 -10.60
C GLY B 50 20.21 -0.05 -11.14
N ARG B 51 20.36 0.37 -12.40
CA ARG B 51 21.60 0.46 -13.15
C ARG B 51 22.51 1.54 -12.58
N TRP B 52 21.98 2.75 -12.32
CA TRP B 52 22.77 3.86 -11.78
C TRP B 52 23.08 3.67 -10.28
N THR B 53 22.26 2.88 -9.56
CA THR B 53 22.51 2.52 -8.16
C THR B 53 23.68 1.51 -8.15
N ALA B 54 23.77 0.63 -9.18
CA ALA B 54 24.84 -0.37 -9.32
C ALA B 54 26.17 0.34 -9.52
N TYR B 55 26.15 1.47 -10.25
CA TYR B 55 27.33 2.32 -10.52
C TYR B 55 27.85 2.97 -9.24
N GLU B 56 26.94 3.45 -8.38
CA GLU B 56 27.27 4.07 -7.09
C GLU B 56 27.92 3.04 -6.16
N PHE B 57 27.35 1.81 -6.11
CA PHE B 57 27.89 0.71 -5.32
C PHE B 57 29.26 0.23 -5.81
N ALA B 58 29.51 0.29 -7.15
CA ALA B 58 30.79 -0.08 -7.77
C ALA B 58 31.87 0.91 -7.34
N LYS B 59 31.53 2.22 -7.26
CA LYS B 59 32.44 3.28 -6.81
C LYS B 59 32.72 3.13 -5.30
N GLN B 60 31.77 2.59 -4.55
CA GLN B 60 31.82 2.34 -3.10
C GLN B 60 32.67 1.10 -2.72
N LYS B 61 33.09 0.33 -3.74
CA LYS B 61 33.92 -0.88 -3.70
C LYS B 61 33.17 -2.11 -3.10
N SER B 62 31.87 -2.20 -3.41
CA SER B 62 31.03 -3.34 -3.01
C SER B 62 31.18 -4.46 -4.05
N ARG B 63 30.82 -5.71 -3.67
CA ARG B 63 30.78 -6.87 -4.58
C ARG B 63 29.29 -6.98 -4.98
N LEU B 64 29.03 -6.84 -6.27
CA LEU B 64 27.70 -6.75 -6.83
C LEU B 64 27.14 -8.01 -7.41
N VAL B 65 25.84 -8.18 -7.17
CA VAL B 65 25.01 -9.25 -7.70
C VAL B 65 23.84 -8.51 -8.38
N LEU B 66 23.79 -8.58 -9.70
CA LEU B 66 22.79 -7.87 -10.45
C LEU B 66 21.79 -8.83 -11.07
N TRP B 67 20.49 -8.58 -10.79
CA TRP B 67 19.37 -9.38 -11.29
C TRP B 67 18.49 -8.59 -12.20
N ASP B 68 18.04 -9.24 -13.27
CA ASP B 68 17.09 -8.64 -14.21
C ASP B 68 16.57 -9.71 -15.17
N ILE B 69 15.42 -9.45 -15.81
CA ILE B 69 14.86 -10.36 -16.82
C ILE B 69 15.52 -10.09 -18.17
N ASN B 70 16.07 -8.87 -18.32
CA ASN B 70 16.74 -8.39 -19.53
C ASN B 70 18.25 -8.69 -19.45
N LYS B 71 18.66 -9.79 -20.10
CA LYS B 71 20.03 -10.33 -20.13
C LYS B 71 21.07 -9.34 -20.65
N HIS B 72 20.76 -8.69 -21.77
CA HIS B 72 21.59 -7.68 -22.45
C HIS B 72 21.76 -6.43 -21.57
N GLY B 73 20.65 -5.93 -21.02
CA GLY B 73 20.61 -4.75 -20.16
C GLY B 73 21.48 -4.89 -18.93
N VAL B 74 21.26 -5.98 -18.13
CA VAL B 74 22.02 -6.27 -16.89
C VAL B 74 23.54 -6.52 -17.16
N GLU B 75 23.89 -7.19 -18.26
CA GLU B 75 25.28 -7.46 -18.61
C GLU B 75 25.99 -6.17 -19.06
N GLU B 76 25.21 -5.22 -19.63
CA GLU B 76 25.69 -3.90 -20.06
C GLU B 76 26.01 -3.07 -18.80
N THR B 77 25.16 -3.14 -17.76
CA THR B 77 25.41 -2.46 -16.48
C THR B 77 26.65 -3.05 -15.83
N ALA B 78 26.77 -4.39 -15.84
CA ALA B 78 27.89 -5.12 -15.23
C ALA B 78 29.20 -4.75 -15.86
N ALA B 79 29.23 -4.56 -17.20
CA ALA B 79 30.44 -4.19 -17.93
C ALA B 79 30.91 -2.83 -17.45
N GLU B 80 29.97 -1.87 -17.21
CA GLU B 80 30.31 -0.53 -16.70
C GLU B 80 30.81 -0.58 -15.25
N CYS B 81 30.20 -1.43 -14.42
CA CYS B 81 30.57 -1.64 -13.02
C CYS B 81 31.99 -2.21 -12.94
N ARG B 82 32.34 -3.16 -13.83
CA ARG B 82 33.68 -3.76 -13.90
C ARG B 82 34.72 -2.73 -14.33
N LYS B 83 34.35 -1.76 -15.20
CA LYS B 83 35.23 -0.66 -15.61
C LYS B 83 35.52 0.25 -14.40
N LEU B 84 34.53 0.39 -13.50
CA LEU B 84 34.61 1.16 -12.25
C LEU B 84 35.44 0.43 -11.16
N GLY B 85 35.86 -0.79 -11.45
CA GLY B 85 36.73 -1.58 -10.58
C GLY B 85 36.08 -2.65 -9.74
N ALA B 86 34.75 -2.81 -9.85
CA ALA B 86 34.00 -3.77 -9.05
C ALA B 86 33.96 -5.18 -9.60
N THR B 87 33.79 -6.15 -8.70
CA THR B 87 33.56 -7.56 -9.01
C THR B 87 32.04 -7.69 -9.11
N VAL B 88 31.57 -8.20 -10.26
CA VAL B 88 30.14 -8.26 -10.56
C VAL B 88 29.72 -9.62 -11.08
N HIS B 89 28.60 -10.14 -10.54
CA HIS B 89 27.93 -11.37 -10.93
C HIS B 89 26.52 -11.02 -11.43
N THR B 90 26.16 -11.44 -12.67
CA THR B 90 24.80 -11.20 -13.21
C THR B 90 23.99 -12.49 -13.29
N PHE B 91 22.68 -12.38 -13.12
CA PHE B 91 21.76 -13.50 -13.20
C PHE B 91 20.49 -12.99 -13.86
N VAL B 92 19.90 -13.81 -14.77
CA VAL B 92 18.62 -13.53 -15.41
C VAL B 92 17.56 -14.14 -14.50
N VAL B 93 16.82 -13.27 -13.76
CA VAL B 93 15.86 -13.70 -12.75
C VAL B 93 14.59 -12.88 -12.85
N ASP B 94 13.44 -13.59 -12.90
CA ASP B 94 12.13 -12.95 -12.89
C ASP B 94 11.83 -12.70 -11.42
N CYS B 95 11.93 -11.43 -11.00
CA CYS B 95 11.76 -10.98 -9.63
C CYS B 95 10.29 -10.88 -9.17
N GLY B 96 9.39 -11.38 -10.01
CA GLY B 96 7.97 -11.53 -9.73
C GLY B 96 7.62 -13.02 -9.67
N ASN B 97 8.61 -13.91 -9.90
CA ASN B 97 8.46 -15.36 -9.89
C ASN B 97 9.15 -15.95 -8.66
N ARG B 98 8.31 -16.36 -7.68
CA ARG B 98 8.67 -16.93 -6.39
C ARG B 98 9.67 -18.10 -6.52
N GLU B 99 9.41 -19.07 -7.44
CA GLU B 99 10.22 -20.26 -7.73
C GLU B 99 11.58 -19.89 -8.35
N ASP B 100 11.59 -18.94 -9.31
CA ASP B 100 12.79 -18.42 -9.97
C ASP B 100 13.69 -17.71 -8.97
N ILE B 101 13.09 -16.93 -8.05
CA ILE B 101 13.82 -16.19 -7.01
C ILE B 101 14.56 -17.16 -6.07
N TYR B 102 13.84 -18.19 -5.55
CA TYR B 102 14.40 -19.15 -4.62
C TYR B 102 15.54 -19.96 -5.21
N ASN B 103 15.40 -20.44 -6.46
CA ASN B 103 16.42 -21.20 -7.14
C ASN B 103 17.65 -20.36 -7.36
N SER B 104 17.47 -19.07 -7.76
CA SER B 104 18.55 -18.12 -8.02
C SER B 104 19.29 -17.73 -6.75
N VAL B 105 18.57 -17.66 -5.60
CA VAL B 105 19.17 -17.41 -4.29
C VAL B 105 20.14 -18.55 -3.95
N LYS B 106 19.80 -19.81 -4.27
CA LYS B 106 20.71 -20.95 -4.04
C LYS B 106 22.02 -20.76 -4.89
N GLN B 107 21.88 -20.30 -6.14
CA GLN B 107 23.02 -20.05 -7.05
C GLN B 107 23.87 -18.87 -6.54
N VAL B 108 23.23 -17.80 -6.03
CA VAL B 108 23.97 -16.65 -5.52
C VAL B 108 24.78 -17.12 -4.34
N LYS B 109 24.16 -17.92 -3.44
CA LYS B 109 24.83 -18.51 -2.26
C LYS B 109 26.06 -19.36 -2.64
N LYS B 110 25.89 -20.24 -3.64
CA LYS B 110 26.92 -21.14 -4.12
C LYS B 110 28.05 -20.40 -4.89
N GLU B 111 27.72 -19.31 -5.62
CA GLU B 111 28.70 -18.60 -6.46
C GLU B 111 29.37 -17.40 -5.84
N VAL B 112 28.68 -16.62 -5.03
CA VAL B 112 29.14 -15.36 -4.44
C VAL B 112 29.25 -15.44 -2.92
N GLY B 113 28.16 -15.88 -2.28
CA GLY B 113 28.06 -16.01 -0.83
C GLY B 113 26.78 -15.42 -0.32
N ASP B 114 26.81 -14.87 0.91
CA ASP B 114 25.63 -14.27 1.54
C ASP B 114 25.50 -12.78 1.26
N VAL B 115 24.35 -12.39 0.63
CA VAL B 115 24.03 -10.99 0.34
C VAL B 115 23.86 -10.29 1.71
N THR B 116 24.51 -9.10 1.85
CA THR B 116 24.43 -8.26 3.05
C THR B 116 23.56 -7.03 2.81
N ILE B 117 23.45 -6.56 1.55
CA ILE B 117 22.59 -5.40 1.20
C ILE B 117 21.66 -5.83 0.06
N LEU B 118 20.37 -5.76 0.28
CA LEU B 118 19.38 -6.10 -0.75
C LEU B 118 18.68 -4.85 -1.20
N VAL B 119 18.71 -4.58 -2.53
CA VAL B 119 18.01 -3.44 -3.13
C VAL B 119 16.85 -3.97 -3.98
N ASN B 120 15.63 -3.89 -3.45
CA ASN B 120 14.40 -4.32 -4.14
C ASN B 120 13.92 -3.17 -5.05
N ASN B 121 14.53 -3.10 -6.22
CA ASN B 121 14.33 -2.05 -7.22
C ASN B 121 13.41 -2.44 -8.37
N ALA B 122 13.50 -3.66 -8.94
CA ALA B 122 12.67 -4.13 -10.05
C ALA B 122 11.22 -3.74 -9.79
N GLY B 123 10.63 -3.17 -10.83
CA GLY B 123 9.28 -2.67 -10.80
C GLY B 123 8.66 -2.69 -12.17
N THR B 124 7.31 -2.74 -12.17
CA THR B 124 6.50 -2.68 -13.37
C THR B 124 5.32 -1.73 -13.17
N VAL B 125 4.74 -1.29 -14.28
CA VAL B 125 3.62 -0.36 -14.32
C VAL B 125 2.99 -0.48 -15.67
N TYR B 126 1.66 -0.42 -15.70
CA TYR B 126 0.83 -0.41 -16.91
C TYR B 126 -0.19 0.73 -16.75
N PRO B 127 0.23 2.02 -16.98
CA PRO B 127 -0.72 3.15 -16.85
C PRO B 127 -1.99 2.97 -17.67
N ALA B 128 -3.14 3.24 -17.02
CA ALA B 128 -4.50 3.14 -17.56
C ALA B 128 -5.48 3.47 -16.45
N ASP B 129 -6.66 4.01 -16.82
CA ASP B 129 -7.71 4.24 -15.83
C ASP B 129 -8.22 2.84 -15.42
N LEU B 130 -8.82 2.72 -14.21
CA LEU B 130 -9.23 1.43 -13.65
C LEU B 130 -9.97 0.51 -14.64
N LEU B 131 -10.91 1.05 -15.37
CA LEU B 131 -11.74 0.24 -16.26
C LEU B 131 -11.04 -0.16 -17.56
N SER B 132 -9.91 0.49 -17.88
CA SER B 132 -9.07 0.18 -19.04
C SER B 132 -7.92 -0.77 -18.70
N THR B 133 -7.66 -1.04 -17.42
CA THR B 133 -6.57 -1.95 -17.02
C THR B 133 -6.96 -3.38 -17.38
N LYS B 134 -5.96 -4.25 -17.58
CA LYS B 134 -6.18 -5.68 -17.86
C LYS B 134 -5.90 -6.36 -16.52
N ASP B 135 -6.65 -7.42 -16.17
CA ASP B 135 -6.46 -8.12 -14.89
C ASP B 135 -5.06 -8.71 -14.76
N GLU B 136 -4.47 -9.20 -15.88
CA GLU B 136 -3.12 -9.78 -16.01
C GLU B 136 -2.06 -8.75 -15.64
N GLU B 137 -2.36 -7.47 -15.92
CA GLU B 137 -1.54 -6.31 -15.62
C GLU B 137 -1.57 -6.00 -14.15
N ILE B 138 -2.76 -6.06 -13.49
CA ILE B 138 -2.91 -5.80 -12.05
C ILE B 138 -2.07 -6.81 -11.27
N THR B 139 -2.20 -8.11 -11.63
CA THR B 139 -1.48 -9.24 -11.04
C THR B 139 0.04 -9.08 -11.19
N LYS B 140 0.56 -8.82 -12.42
CA LYS B 140 1.97 -8.59 -12.70
C LYS B 140 2.52 -7.48 -11.80
N THR B 141 1.80 -6.33 -11.69
CA THR B 141 2.14 -5.16 -10.86
C THR B 141 2.36 -5.59 -9.42
N PHE B 142 1.43 -6.36 -8.84
CA PHE B 142 1.59 -6.83 -7.46
C PHE B 142 2.69 -7.87 -7.30
N GLU B 143 2.79 -8.80 -8.26
CA GLU B 143 3.78 -9.88 -8.27
C GLU B 143 5.21 -9.39 -8.22
N ILE B 144 5.51 -8.32 -8.99
CA ILE B 144 6.85 -7.71 -9.09
C ILE B 144 7.08 -6.61 -8.03
N ASN B 145 6.14 -5.64 -7.91
CA ASN B 145 6.31 -4.48 -7.03
C ASN B 145 6.23 -4.75 -5.56
N ILE B 146 5.68 -5.90 -5.12
CA ILE B 146 5.58 -6.16 -3.69
C ILE B 146 5.79 -7.62 -3.36
N LEU B 147 5.05 -8.56 -3.98
CA LEU B 147 5.16 -9.99 -3.67
C LEU B 147 6.58 -10.51 -3.84
N GLY B 148 7.28 -10.01 -4.87
CA GLY B 148 8.68 -10.33 -5.12
C GLY B 148 9.58 -9.85 -4.00
N HIS B 149 9.24 -8.70 -3.39
CA HIS B 149 9.99 -8.20 -2.23
C HIS B 149 9.89 -9.19 -1.07
N PHE B 150 8.71 -9.83 -0.87
CA PHE B 150 8.56 -10.82 0.19
C PHE B 150 9.46 -12.01 -0.01
N TRP B 151 9.42 -12.64 -1.22
CA TRP B 151 10.21 -13.83 -1.51
C TRP B 151 11.72 -13.59 -1.46
N ILE B 152 12.20 -12.46 -1.99
CA ILE B 152 13.64 -12.15 -1.98
C ILE B 152 14.10 -11.85 -0.54
N THR B 153 13.37 -11.00 0.20
CA THR B 153 13.72 -10.66 1.60
C THR B 153 13.71 -11.91 2.47
N LYS B 154 12.66 -12.75 2.39
CA LYS B 154 12.57 -14.01 3.16
C LYS B 154 13.76 -14.96 2.88
N ALA B 155 14.25 -15.01 1.63
CA ALA B 155 15.38 -15.85 1.24
C ALA B 155 16.69 -15.33 1.79
N LEU B 156 16.87 -13.99 1.81
CA LEU B 156 18.14 -13.37 2.19
C LEU B 156 18.25 -12.93 3.64
N LEU B 157 17.10 -12.66 4.29
CA LEU B 157 17.05 -12.24 5.70
C LEU B 157 17.66 -13.23 6.69
N PRO B 158 17.51 -14.58 6.55
CA PRO B 158 18.03 -15.48 7.60
C PRO B 158 19.53 -15.36 7.88
N SER B 159 20.36 -15.14 6.84
CA SER B 159 21.81 -15.00 7.01
C SER B 159 22.15 -13.64 7.64
N MET B 160 21.38 -12.59 7.29
CA MET B 160 21.58 -11.23 7.84
C MET B 160 21.28 -11.24 9.35
N ILE B 161 20.21 -11.96 9.77
CA ILE B 161 19.79 -12.09 11.16
C ILE B 161 20.87 -12.83 11.95
N LYS B 162 21.34 -13.97 11.41
CA LYS B 162 22.37 -14.85 12.00
C LYS B 162 23.63 -14.09 12.33
N ARG B 163 24.02 -13.14 11.45
CA ARG B 163 25.21 -12.30 11.57
C ARG B 163 24.93 -10.93 12.19
N ASN B 164 23.63 -10.61 12.41
CA ASN B 164 23.14 -9.32 12.91
C ASN B 164 23.72 -8.16 12.10
N HIS B 165 23.63 -8.26 10.77
CA HIS B 165 24.20 -7.27 9.87
C HIS B 165 23.57 -7.38 8.50
N GLY B 166 22.95 -6.30 8.05
CA GLY B 166 22.29 -6.22 6.75
C GLY B 166 21.60 -4.91 6.53
N HIS B 167 21.15 -4.68 5.31
CA HIS B 167 20.43 -3.48 4.94
C HIS B 167 19.44 -3.87 3.87
N ILE B 168 18.13 -3.66 4.15
CA ILE B 168 17.02 -3.97 3.24
C ILE B 168 16.52 -2.65 2.66
N VAL B 169 16.77 -2.47 1.36
CA VAL B 169 16.38 -1.26 0.63
C VAL B 169 15.14 -1.53 -0.25
N THR B 170 14.04 -0.83 0.08
CA THR B 170 12.76 -0.88 -0.62
C THR B 170 12.66 0.31 -1.57
N VAL B 171 12.65 0.04 -2.89
CA VAL B 171 12.44 1.12 -3.84
C VAL B 171 10.91 1.20 -4.09
N ALA B 172 10.28 2.22 -3.50
CA ALA B 172 8.84 2.43 -3.67
C ALA B 172 8.63 3.56 -4.70
N SER B 173 8.07 4.72 -4.28
CA SER B 173 7.73 5.88 -5.10
C SER B 173 6.98 6.86 -4.21
N VAL B 174 6.76 8.10 -4.67
CA VAL B 174 5.86 9.04 -3.97
C VAL B 174 4.40 8.50 -4.11
N CYS B 175 4.20 7.55 -5.07
CA CYS B 175 2.95 6.83 -5.37
C CYS B 175 2.59 5.86 -4.26
N GLY B 176 3.51 5.61 -3.34
CA GLY B 176 3.32 4.78 -2.17
C GLY B 176 2.88 5.62 -0.98
N HIS B 177 2.79 6.96 -1.20
CA HIS B 177 2.40 7.97 -0.20
C HIS B 177 1.17 8.74 -0.64
N GLU B 178 1.04 8.95 -1.96
CA GLU B 178 -0.15 9.61 -2.52
C GLU B 178 -0.71 8.89 -3.72
N GLY B 179 -2.03 8.96 -3.89
CA GLY B 179 -2.67 8.37 -5.05
C GLY B 179 -2.50 9.26 -6.27
N ILE B 180 -2.39 8.66 -7.48
CA ILE B 180 -2.27 9.39 -8.73
C ILE B 180 -3.29 8.78 -9.69
N PRO B 181 -4.09 9.60 -10.43
CA PRO B 181 -4.98 9.02 -11.47
C PRO B 181 -4.21 8.29 -12.58
N TYR B 182 -4.80 7.21 -13.15
CA TYR B 182 -4.24 6.35 -14.21
C TYR B 182 -3.16 5.40 -13.69
N LEU B 183 -2.85 5.48 -12.38
CA LEU B 183 -1.88 4.61 -11.74
C LEU B 183 -2.48 3.94 -10.50
N ILE B 184 -3.78 3.53 -10.50
CA ILE B 184 -4.44 2.89 -9.34
C ILE B 184 -3.74 1.56 -8.99
N PRO B 185 -3.60 0.55 -9.90
CA PRO B 185 -2.90 -0.70 -9.49
C PRO B 185 -1.46 -0.47 -9.02
N TYR B 186 -0.77 0.48 -9.66
CA TYR B 186 0.60 0.87 -9.37
C TYR B 186 0.75 1.54 -8.00
N CYS B 187 -0.07 2.57 -7.69
CA CYS B 187 -0.07 3.25 -6.39
C CYS B 187 -0.34 2.27 -5.27
N SER B 188 -1.36 1.41 -5.45
CA SER B 188 -1.77 0.38 -4.50
C SER B 188 -0.61 -0.54 -4.17
N SER B 189 0.11 -1.02 -5.20
CA SER B 189 1.31 -1.87 -5.06
C SER B 189 2.50 -1.11 -4.37
N LYS B 190 2.62 0.20 -4.63
CA LYS B 190 3.65 1.04 -4.04
C LYS B 190 3.36 1.39 -2.58
N PHE B 191 2.06 1.54 -2.20
CA PHE B 191 1.62 1.75 -0.81
C PHE B 191 2.01 0.46 -0.03
N ALA B 192 1.76 -0.71 -0.64
CA ALA B 192 2.13 -2.02 -0.13
C ALA B 192 3.65 -2.15 0.13
N ALA B 193 4.49 -1.56 -0.75
CA ALA B 193 5.95 -1.55 -0.60
C ALA B 193 6.39 -0.68 0.61
N VAL B 194 5.75 0.49 0.80
CA VAL B 194 5.96 1.42 1.91
C VAL B 194 5.56 0.72 3.24
N GLY B 195 4.42 0.01 3.23
CA GLY B 195 3.93 -0.75 4.37
C GLY B 195 4.84 -1.90 4.77
N PHE B 196 5.39 -2.61 3.76
CA PHE B 196 6.32 -3.72 3.98
C PHE B 196 7.57 -3.17 4.68
N HIS B 197 8.13 -2.05 4.18
CA HIS B 197 9.28 -1.38 4.77
C HIS B 197 9.00 -0.93 6.20
N ARG B 198 7.85 -0.28 6.45
CA ARG B 198 7.49 0.21 7.79
C ARG B 198 7.30 -0.90 8.82
N ALA B 199 6.51 -1.93 8.48
CA ALA B 199 6.26 -3.06 9.35
C ALA B 199 7.54 -3.90 9.58
N LEU B 200 8.41 -4.04 8.53
CA LEU B 200 9.71 -4.73 8.62
C LEU B 200 10.65 -4.00 9.60
N THR B 201 10.71 -2.66 9.53
CA THR B 201 11.54 -1.82 10.44
C THR B 201 11.10 -2.10 11.89
N LEU B 202 9.79 -1.96 12.17
CA LEU B 202 9.20 -2.17 13.48
C LEU B 202 9.36 -3.60 14.02
N GLU B 203 9.22 -4.64 13.17
CA GLU B 203 9.39 -6.04 13.58
C GLU B 203 10.83 -6.37 14.00
N LEU B 204 11.85 -5.95 13.20
CA LEU B 204 13.27 -6.16 13.51
C LEU B 204 13.57 -5.55 14.87
N GLN B 205 13.06 -4.32 15.12
CA GLN B 205 13.20 -3.58 16.37
C GLN B 205 12.59 -4.41 17.51
N ALA B 206 11.33 -4.84 17.37
CA ALA B 206 10.60 -5.65 18.35
C ALA B 206 11.29 -6.99 18.64
N LEU B 207 11.95 -7.58 17.62
CA LEU B 207 12.66 -8.85 17.73
C LEU B 207 14.08 -8.71 18.27
N GLY B 208 14.48 -7.47 18.59
CA GLY B 208 15.79 -7.15 19.14
C GLY B 208 16.92 -7.23 18.13
N ILE B 209 16.61 -7.15 16.82
CA ILE B 209 17.62 -7.21 15.74
C ILE B 209 18.10 -5.78 15.40
N THR B 210 19.23 -5.41 15.99
CA THR B 210 19.81 -4.08 15.88
C THR B 210 20.73 -3.84 14.64
N GLY B 211 21.26 -4.91 14.05
CA GLY B 211 22.21 -4.83 12.93
C GLY B 211 21.66 -4.72 11.53
N ILE B 212 20.35 -4.97 11.37
CA ILE B 212 19.70 -4.91 10.06
C ILE B 212 19.01 -3.58 9.88
N LYS B 213 19.50 -2.78 8.93
CA LYS B 213 18.95 -1.45 8.62
C LYS B 213 17.96 -1.50 7.46
N THR B 214 17.08 -0.50 7.37
CA THR B 214 16.08 -0.44 6.31
C THR B 214 16.00 0.98 5.77
N SER B 215 15.89 1.10 4.44
CA SER B 215 15.74 2.37 3.74
C SER B 215 14.66 2.17 2.72
N CYS B 216 13.88 3.22 2.48
CA CYS B 216 12.80 3.22 1.51
C CYS B 216 12.99 4.42 0.61
N LEU B 217 13.23 4.16 -0.68
CA LEU B 217 13.42 5.24 -1.66
C LEU B 217 12.08 5.60 -2.30
N CYS B 218 11.67 6.87 -2.17
CA CYS B 218 10.43 7.37 -2.74
C CYS B 218 10.64 8.55 -3.68
N PRO B 219 11.02 8.27 -4.95
CA PRO B 219 11.18 9.38 -5.91
C PRO B 219 9.85 9.81 -6.56
N VAL B 220 9.85 11.03 -7.15
CA VAL B 220 8.72 11.52 -7.94
C VAL B 220 9.00 10.95 -9.36
N PHE B 221 8.37 11.49 -10.42
CA PHE B 221 8.64 11.04 -11.79
C PHE B 221 10.14 11.20 -12.12
N VAL B 222 10.74 10.17 -12.75
CA VAL B 222 12.15 10.11 -13.18
C VAL B 222 12.16 9.76 -14.69
N ASN B 223 13.07 10.42 -15.40
CA ASN B 223 13.27 10.29 -16.84
C ASN B 223 14.07 8.99 -17.15
N THR B 224 13.41 7.83 -16.98
CA THR B 224 14.01 6.52 -17.22
C THR B 224 13.30 5.79 -18.36
N GLY B 225 12.18 6.32 -18.80
CA GLY B 225 11.34 5.68 -19.79
C GLY B 225 10.37 4.67 -19.16
N PHE B 226 10.34 4.55 -17.80
CA PHE B 226 9.46 3.64 -17.08
C PHE B 226 7.97 3.97 -17.40
N THR B 227 7.61 5.26 -17.35
CA THR B 227 6.31 5.73 -17.75
C THR B 227 6.49 6.82 -18.77
N LYS B 228 5.44 7.06 -19.53
CA LYS B 228 5.41 8.08 -20.56
C LYS B 228 5.38 9.43 -19.84
N ASN B 229 6.26 10.35 -20.26
CA ASN B 229 6.40 11.69 -19.71
C ASN B 229 5.03 12.42 -19.59
N PRO B 230 4.72 13.05 -18.42
CA PRO B 230 3.42 13.72 -18.26
C PRO B 230 3.13 14.76 -19.35
N SER B 231 1.87 14.76 -19.82
CA SER B 231 1.29 15.59 -20.86
C SER B 231 1.74 17.06 -20.85
N THR B 232 1.37 17.83 -19.79
CA THR B 232 1.69 19.25 -19.68
C THR B 232 2.62 19.57 -18.48
N ARG B 233 2.50 18.81 -17.35
CA ARG B 233 3.29 18.98 -16.13
C ARG B 233 4.77 18.68 -16.33
N PRO B 236 8.33 18.50 -11.42
CA PRO B 236 9.70 18.53 -10.88
C PRO B 236 10.67 17.60 -11.63
N ILE B 237 11.45 18.21 -12.56
CA ILE B 237 12.45 17.59 -13.44
C ILE B 237 13.51 16.80 -12.63
N LEU B 238 13.44 15.43 -12.65
CA LEU B 238 14.34 14.54 -11.90
C LEU B 238 15.10 13.51 -12.79
N GLU B 239 16.45 13.61 -12.85
CA GLU B 239 17.31 12.70 -13.63
C GLU B 239 17.77 11.45 -12.84
N THR B 240 18.10 10.35 -13.57
CA THR B 240 18.46 9.06 -13.00
C THR B 240 19.68 9.08 -12.06
N ASP B 241 20.76 9.79 -12.44
CA ASP B 241 21.98 9.85 -11.63
C ASP B 241 21.74 10.56 -10.28
N THR B 242 20.83 11.55 -10.27
CA THR B 242 20.42 12.31 -9.07
C THR B 242 19.74 11.36 -8.06
N VAL B 243 18.85 10.48 -8.55
CA VAL B 243 18.11 9.52 -7.76
C VAL B 243 19.06 8.47 -7.17
N ALA B 244 19.98 7.93 -8.00
CA ALA B 244 20.99 6.95 -7.60
C ALA B 244 21.92 7.54 -6.52
N ARG B 245 22.29 8.85 -6.63
CA ARG B 245 23.10 9.57 -5.64
C ARG B 245 22.34 9.74 -4.32
N SER B 246 21.07 10.12 -4.38
CA SER B 246 20.20 10.30 -3.21
C SER B 246 20.05 8.98 -2.45
N LEU B 247 19.81 7.88 -3.17
CA LEU B 247 19.70 6.55 -2.59
C LEU B 247 21.00 6.13 -1.89
N ILE B 248 22.17 6.24 -2.56
CA ILE B 248 23.45 5.85 -1.97
C ILE B 248 23.74 6.68 -0.72
N ASP B 249 23.47 8.01 -0.76
CA ASP B 249 23.67 8.89 0.39
C ASP B 249 22.75 8.52 1.54
N GLY B 250 21.54 8.04 1.22
CA GLY B 250 20.54 7.58 2.19
C GLY B 250 20.92 6.29 2.87
N ILE B 251 21.38 5.29 2.09
CA ILE B 251 21.86 3.99 2.58
C ILE B 251 23.07 4.15 3.54
N LEU B 252 24.08 4.92 3.11
CA LEU B 252 25.33 5.14 3.84
C LEU B 252 25.13 5.83 5.17
N THR B 253 24.05 6.58 5.29
CA THR B 253 23.70 7.41 6.42
C THR B 253 22.56 6.76 7.25
N ASN B 254 22.13 5.54 6.85
CA ASN B 254 21.06 4.73 7.44
C ASN B 254 19.71 5.47 7.54
N LYS B 255 19.41 6.33 6.52
CA LYS B 255 18.16 7.07 6.46
C LYS B 255 17.02 6.11 6.06
N LYS B 256 15.96 6.07 6.88
CA LYS B 256 14.80 5.20 6.68
C LYS B 256 13.93 5.60 5.50
N MET B 257 13.56 6.88 5.37
CA MET B 257 12.67 7.34 4.29
C MET B 257 13.36 8.39 3.42
N ILE B 258 13.73 8.01 2.20
CA ILE B 258 14.45 8.88 1.26
C ILE B 258 13.51 9.38 0.18
N PHE B 259 13.03 10.61 0.31
CA PHE B 259 12.17 11.24 -0.69
C PHE B 259 13.06 11.94 -1.69
N VAL B 260 12.76 11.79 -2.98
CA VAL B 260 13.55 12.43 -4.04
C VAL B 260 12.58 13.24 -4.93
N PRO B 261 12.60 14.60 -4.87
CA PRO B 261 13.49 15.47 -4.06
C PRO B 261 13.09 15.46 -2.59
N SER B 262 14.07 15.55 -1.68
CA SER B 262 13.84 15.51 -0.22
C SER B 262 12.74 16.48 0.27
N TYR B 263 12.61 17.67 -0.38
CA TYR B 263 11.61 18.69 -0.06
C TYR B 263 10.18 18.25 -0.34
N TYR B 264 9.98 17.11 -1.04
CA TYR B 264 8.64 16.63 -1.39
C TYR B 264 7.79 16.29 -0.16
N ASN B 265 8.43 15.99 0.96
CA ASN B 265 7.83 15.68 2.25
C ASN B 265 6.91 16.82 2.78
N ILE B 266 7.15 18.11 2.39
CA ILE B 266 6.26 19.20 2.84
C ILE B 266 4.83 19.00 2.32
N TYR B 267 4.66 18.55 1.05
CA TYR B 267 3.35 18.30 0.44
C TYR B 267 2.64 17.17 1.18
N LEU B 268 3.40 16.16 1.62
CA LEU B 268 2.90 15.02 2.38
C LEU B 268 2.47 15.43 3.79
N ILE B 269 3.27 16.31 4.46
CA ILE B 269 2.95 16.84 5.79
C ILE B 269 1.71 17.77 5.66
N LEU B 270 1.62 18.55 4.56
CA LEU B 270 0.50 19.45 4.29
C LEU B 270 -0.81 18.73 4.07
N ASP B 271 -0.80 17.61 3.32
CA ASP B 271 -1.98 16.79 3.03
C ASP B 271 -2.66 16.25 4.31
N LYS B 272 -1.87 15.98 5.37
CA LYS B 272 -2.33 15.49 6.67
C LYS B 272 -2.96 16.61 7.55
N PHE B 273 -3.31 17.77 6.95
CA PHE B 273 -3.91 18.92 7.63
C PHE B 273 -5.10 19.52 6.83
N LEU B 274 -5.26 19.12 5.56
CA LEU B 274 -6.30 19.61 4.62
C LEU B 274 -7.75 19.15 4.95
N PRO B 275 -8.82 19.91 4.54
CA PRO B 275 -10.20 19.47 4.85
C PRO B 275 -10.77 18.51 3.80
PA NAD C . -14.33 -11.54 11.02
O1A NAD C . -15.35 -11.29 12.06
O2A NAD C . -13.45 -12.74 11.38
O5B NAD C . -15.06 -11.76 9.61
C5B NAD C . -14.37 -11.58 8.35
C4B NAD C . -15.24 -12.27 7.34
O4B NAD C . -14.55 -12.37 6.08
C3B NAD C . -15.67 -13.69 7.74
O3B NAD C . -17.07 -13.83 7.80
C2B NAD C . -15.02 -14.57 6.65
O2B NAD C . -15.76 -15.73 6.34
C1B NAD C . -14.96 -13.59 5.50
N9A NAD C . -14.01 -13.95 4.46
C8A NAD C . -12.72 -14.34 4.63
N7A NAD C . -12.13 -14.73 3.52
C5A NAD C . -13.10 -14.57 2.55
C6A NAD C . -13.13 -14.85 1.18
N6A NAD C . -12.09 -15.38 0.52
N1A NAD C . -14.27 -14.60 0.51
C2A NAD C . -15.32 -14.09 1.17
N3A NAD C . -15.43 -13.80 2.46
C4A NAD C . -14.27 -14.07 3.11
O3 NAD C . -13.36 -10.28 10.92
PN NAD C . -13.60 -8.69 11.00
O1N NAD C . -15.03 -8.36 10.87
O2N NAD C . -12.84 -8.19 12.16
O5D NAD C . -12.82 -8.22 9.70
C5D NAD C . -13.49 -7.57 8.59
C4D NAD C . -12.52 -6.60 8.00
O4D NAD C . -12.10 -5.64 8.99
C3D NAD C . -11.25 -7.20 7.40
O3D NAD C . -10.97 -6.59 6.14
C2D NAD C . -10.18 -6.85 8.45
O2D NAD C . -8.87 -6.85 7.91
C1D NAD C . -10.70 -5.49 8.91
N1N NAD C . -10.17 -4.99 10.27
C2N NAD C . -10.31 -5.77 11.35
C3N NAD C . -9.82 -5.37 12.57
C7N NAD C . -10.02 -6.20 13.82
O7N NAD C . -9.30 -5.98 14.81
N7N NAD C . -10.85 -7.22 13.76
C4N NAD C . -9.22 -4.11 12.68
C5N NAD C . -9.13 -3.30 11.56
C6N NAD C . -9.61 -3.76 10.34
C4 YXW D . 4.48 -7.25 19.93
C6 YXW D . 5.67 -5.16 19.76
C9 YXW D . 1.58 -7.32 17.75
C13 YXW D . -1.37 -9.70 18.70
C20 YXW D . -3.92 -6.26 16.39
C18 YXW D . -3.16 -8.07 17.93
C16 YXW D . -0.38 -8.13 16.40
O17 YXW D . -3.26 -10.38 17.36
C26 YXW D . -5.59 -6.53 12.99
C1 YXW D . 4.70 -4.70 18.88
C2 YXW D . 3.62 -5.51 18.51
C3 YXW D . 3.51 -6.80 19.03
C5 YXW D . 5.56 -6.44 20.29
F7 YXW D . 4.39 -8.48 20.47
O8 YXW D . 2.52 -7.70 18.76
C10 YXW D . 0.55 -8.45 17.57
C12 YXW D . -0.22 -8.71 18.87
C14 YXW D . -2.33 -9.32 17.55
C15 YXW D . -1.50 -9.15 16.26
N19 YXW D . -3.95 -7.58 16.82
O21 YXW D . -3.31 -5.35 16.98
C22 YXW D . -4.64 -5.94 15.15
C23 YXW D . -4.92 -4.60 14.87
C24 YXW D . -5.51 -4.25 13.66
C25 YXW D . -5.87 -5.19 12.65
C27 YXW D . -4.98 -6.91 14.19
O28 YXW D . -6.38 -4.84 11.54
F29 YXW D . -5.73 -2.95 13.44
H33 YXW D . 6.50 -4.52 20.04
H35 YXW D . 1.05 -6.40 18.05
H34 YXW D . 2.09 -7.14 16.80
H39 YXW D . -0.96 -10.71 18.50
H38 YXW D . -1.93 -9.80 19.64
H45 YXW D . -3.87 -8.32 18.72
H46 YXW D . -2.53 -7.26 18.29
H43 YXW D . -0.81 -7.13 16.54
H42 YXW D . 0.19 -8.09 15.47
H44 YXW D . -2.76 -11.18 17.13
H49 YXW D . -5.82 -7.32 12.27
H30 YXW D . 4.78 -3.69 18.47
H31 YXW D . 2.90 -5.11 17.80
H32 YXW D . 6.31 -6.80 20.99
H11 YXW D . 1.10 -9.38 17.33
H36 YXW D . 0.46 -9.11 19.64
H37 YXW D . -0.60 -7.77 19.28
H41 YXW D . -2.15 -8.89 15.41
H40 YXW D . -1.07 -10.12 15.98
H47 YXW D . -4.56 -8.25 16.37
H48 YXW D . -4.67 -3.81 15.57
H50 YXW D . -4.76 -7.95 14.34
PA NAD E . 13.36 1.14 -15.78
O1A NAD E . 14.47 2.04 -16.18
O2A NAD E . 12.33 0.86 -16.86
O5B NAD E . 14.01 -0.23 -15.27
C5B NAD E . 13.39 -1.16 -14.37
C4B NAD E . 14.13 -2.46 -14.56
O4B NAD E . 13.43 -3.53 -13.89
C3B NAD E . 14.31 -2.89 -16.02
O3B NAD E . 15.67 -3.06 -16.40
C2B NAD E . 13.50 -4.18 -16.13
O2B NAD E . 14.02 -5.15 -17.01
C1B NAD E . 13.52 -4.68 -14.70
N9A NAD E . 12.41 -5.58 -14.38
C8A NAD E . 11.09 -5.44 -14.69
N7A NAD E . 10.35 -6.49 -14.41
C5A NAD E . 11.26 -7.38 -13.85
C6A NAD E . 11.14 -8.71 -13.40
N6A NAD E . 10.00 -9.40 -13.44
N1A NAD E . 12.25 -9.32 -12.93
C2A NAD E . 13.40 -8.65 -12.93
N3A NAD E . 13.65 -7.40 -13.34
C4A NAD E . 12.53 -6.82 -13.81
O3 NAD E . 12.60 1.80 -14.54
PN NAD E . 13.04 2.67 -13.27
O1N NAD E . 14.50 2.59 -13.08
O2N NAD E . 12.40 3.99 -13.39
O5D NAD E . 12.27 1.90 -12.12
C5D NAD E . 12.97 1.23 -11.05
C4D NAD E . 12.11 1.34 -9.81
O4D NAD E . 11.88 2.73 -9.48
C3D NAD E . 10.73 0.69 -9.91
O3D NAD E . 10.43 -0.03 -8.73
C2D NAD E . 9.79 1.89 -10.06
O2D NAD E . 8.46 1.61 -9.67
C1D NAD E . 10.52 2.91 -9.19
N1N NAD E . 10.16 4.39 -9.42
C2N NAD E . 10.23 4.88 -10.68
C3N NAD E . 9.86 6.19 -10.94
C7N NAD E . 9.98 6.77 -12.32
O7N NAD E . 9.34 7.80 -12.60
N7N NAD E . 10.67 6.09 -13.23
C4N NAD E . 9.47 6.99 -9.87
C5N NAD E . 9.44 6.48 -8.59
C6N NAD E . 9.79 5.15 -8.38
C4 YXW F . -4.00 13.32 -15.38
C6 YXW F . -4.90 14.55 -13.52
C9 YXW F . -1.18 11.26 -14.43
C13 YXW F . 1.36 10.19 -17.20
C20 YXW F . 4.13 9.62 -13.31
C18 YXW F . 3.34 10.06 -15.64
C16 YXW F . 0.47 9.37 -14.50
O17 YXW F . 2.86 8.30 -17.21
C26 YXW F . 5.46 6.40 -11.80
C1 YXW F . -3.88 14.06 -12.71
C2 YXW F . -2.90 13.20 -13.25
C3 YXW F . -2.96 12.82 -14.59
C5 YXW F . -4.97 14.17 -14.86
F7 YXW F . -4.05 12.96 -16.68
O8 YXW F . -2.09 11.99 -15.24
C10 YXW F . -0.39 10.31 -15.34
C12 YXW F . 0.45 11.09 -16.37
C14 YXW F . 2.23 9.25 -16.34
C15 YXW F . 1.32 8.47 -15.38
N19 YXW F . 4.06 9.28 -14.65
O21 YXW F . 3.69 10.67 -12.84
C22 YXW F . 4.79 8.65 -12.41
C23 YXW F . 5.28 9.11 -11.18
C24 YXW F . 5.86 8.19 -10.29
C25 YXW F . 5.99 6.81 -10.55
C27 YXW F . 4.88 7.29 -12.71
O28 YXW F . 6.51 5.99 -9.72
F29 YXW F . 6.32 8.68 -9.12
H33 YXW F . -5.66 15.21 -13.10
H35 YXW F . -1.73 10.68 -13.67
H34 YXW F . -0.48 11.95 -13.93
H39 YXW F . 1.97 10.79 -17.87
H38 YXW F . 0.73 9.57 -17.87
H45 YXW F . 2.95 10.95 -15.14
H46 YXW F . 4.09 10.38 -16.36
H43 YXW F . 1.11 9.94 -13.82
H42 YXW F . -0.17 8.74 -13.86
H44 YXW F . 3.37 8.80 -17.87
H49 YXW F . 5.51 5.36 -12.08
H30 YXW F . -3.82 14.35 -11.68
H31 YXW F . -2.12 12.85 -12.59
H32 YXW F . -5.76 14.54 -15.50
H11 YXW F . -1.12 9.70 -15.91
H36 YXW F . -0.22 11.64 -17.05
H37 YXW F . 1.05 11.85 -15.87
H41 YXW F . 1.92 7.78 -14.75
H40 YXW F . 0.68 7.80 -15.96
H47 YXW F . 4.54 8.45 -14.99
H48 YXW F . 5.23 10.15 -10.90
H50 YXW F . 4.48 6.88 -13.63
#